data_7RCQ
#
_entry.id   7RCQ
#
_cell.length_a   64.580
_cell.length_b   54.741
_cell.length_c   74.843
_cell.angle_alpha   90.000
_cell.angle_beta   115.196
_cell.angle_gamma   90.000
#
_symmetry.space_group_name_H-M   'C 1 2 1'
#
loop_
_entity.id
_entity.type
_entity.pdbx_description
1 polymer 'Triosephosphate isomerase'
2 non-polymer 'NITRATE ION'
3 water water
#
_entity_poly.entity_id   1
_entity_poly.type   'polypeptide(L)'
_entity_poly.pdbx_seq_one_letter_code
;MTASSTGRTAIIAGNWKMNYGPREAAKFVQEIQPALSEALQAPGSPLCILCPPAISLAAVRAVLDIPDAASSAQIELGAQ
NMYFEEKGAFTGEISPNMVHELCTTVILGHSERRTYFGETDELVNKKTLAALRHELRPIVCIGENEQQHESGETAHIITT
QVRASLANLTSEQAREIVIAYEPIWAIGTGKAATGEIANNVIRQIRQEYQAIYGAEAASVVRILYGGSVTSDNIAEFMAY
PDIDGALVGGASLKPDFINIVRNSRQVRH
;
_entity_poly.pdbx_strand_id   A
#
# COMPACT_ATOMS: atom_id res chain seq x y z
N GLY A 7 -15.66 -2.36 -10.92
CA GLY A 7 -15.21 -1.29 -11.79
C GLY A 7 -14.08 -0.48 -11.18
N ARG A 8 -13.41 -1.06 -10.19
CA ARG A 8 -12.30 -0.38 -9.54
C ARG A 8 -10.99 -0.75 -10.25
N THR A 9 -10.15 0.24 -10.49
CA THR A 9 -8.83 -0.04 -11.04
C THR A 9 -7.96 -0.72 -9.99
N ALA A 10 -7.39 -1.86 -10.35
CA ALA A 10 -6.54 -2.62 -9.45
C ALA A 10 -5.17 -1.97 -9.31
N ILE A 11 -4.50 -2.28 -8.21
CA ILE A 11 -3.20 -1.69 -7.88
C ILE A 11 -2.25 -2.78 -7.40
N ILE A 12 -1.05 -2.81 -7.97
CA ILE A 12 0.05 -3.63 -7.48
C ILE A 12 1.13 -2.65 -7.03
N ALA A 13 1.36 -2.58 -5.72
CA ALA A 13 2.33 -1.68 -5.13
C ALA A 13 3.46 -2.47 -4.51
N GLY A 14 4.70 -2.09 -4.83
CA GLY A 14 5.84 -2.80 -4.32
C GLY A 14 6.53 -2.06 -3.19
N ASN A 15 6.46 -2.60 -1.98
CA ASN A 15 7.12 -2.03 -0.81
C ASN A 15 8.49 -2.67 -0.65
N TRP A 16 9.53 -1.96 -1.08
CA TRP A 16 10.90 -2.50 -0.98
C TRP A 16 11.40 -2.58 0.46
N LYS A 17 10.76 -1.86 1.39
CA LYS A 17 11.22 -1.75 2.79
C LYS A 17 12.65 -1.22 2.75
N MET A 18 13.49 -1.62 3.70
CA MET A 18 14.80 -0.97 3.78
C MET A 18 15.80 -1.86 3.04
N ASN A 19 15.64 -1.79 1.72
CA ASN A 19 16.43 -2.53 0.74
C ASN A 19 16.63 -1.68 -0.49
N TYR A 20 17.88 -1.68 -0.99
CA TYR A 20 18.36 -1.08 -2.23
C TYR A 20 18.62 0.40 -2.07
N GLY A 21 19.89 0.76 -1.80
CA GLY A 21 20.33 2.13 -1.82
C GLY A 21 20.33 2.69 -3.23
N PRO A 22 20.77 3.94 -3.37
CA PRO A 22 20.64 4.62 -4.68
C PRO A 22 21.18 3.83 -5.86
N ARG A 23 22.41 3.31 -5.75
CA ARG A 23 23.01 2.60 -6.89
C ARG A 23 22.26 1.31 -7.19
N GLU A 24 21.91 0.56 -6.15
CA GLU A 24 21.25 -0.72 -6.29
C GLU A 24 19.81 -0.54 -6.79
N ALA A 25 19.14 0.52 -6.32
CA ALA A 25 17.79 0.83 -6.75
C ALA A 25 17.75 1.13 -8.25
N ALA A 26 18.69 1.95 -8.75
CA ALA A 26 18.73 2.23 -10.18
C ALA A 26 19.00 0.96 -10.99
N LYS A 27 19.95 0.14 -10.53
CA LYS A 27 20.23 -1.11 -11.25
C LYS A 27 19.02 -2.02 -11.28
N PHE A 28 18.32 -2.16 -10.15
CA PHE A 28 17.14 -3.03 -10.11
C PHE A 28 16.07 -2.55 -11.08
N VAL A 29 15.82 -1.24 -11.12
CA VAL A 29 14.79 -0.76 -12.04
C VAL A 29 15.25 -0.88 -13.48
N GLN A 30 16.54 -0.68 -13.74
CA GLN A 30 17.04 -0.95 -15.09
C GLN A 30 16.83 -2.39 -15.49
N GLU A 31 16.88 -3.32 -14.54
CA GLU A 31 16.64 -4.72 -14.87
C GLU A 31 15.18 -4.99 -15.17
N ILE A 32 14.27 -4.50 -14.32
CA ILE A 32 12.87 -4.89 -14.48
C ILE A 32 12.06 -3.99 -15.40
N GLN A 33 12.52 -2.77 -15.69
CA GLN A 33 11.64 -1.80 -16.34
C GLN A 33 11.19 -2.22 -17.73
N PRO A 34 12.06 -2.71 -18.61
CA PRO A 34 11.56 -3.06 -19.95
C PRO A 34 10.44 -4.09 -19.93
N ALA A 35 10.60 -5.20 -19.20
CA ALA A 35 9.56 -6.21 -19.13
C ALA A 35 8.34 -5.71 -18.36
N LEU A 36 8.55 -4.95 -17.28
CA LEU A 36 7.42 -4.46 -16.49
C LEU A 36 6.57 -3.50 -17.29
N SER A 37 7.22 -2.57 -17.99
CA SER A 37 6.49 -1.61 -18.84
C SER A 37 5.70 -2.33 -19.92
N GLU A 38 6.29 -3.37 -20.52
CA GLU A 38 5.57 -4.10 -21.55
C GLU A 38 4.39 -4.85 -20.97
N ALA A 39 4.56 -5.43 -19.78
CA ALA A 39 3.45 -6.13 -19.13
C ALA A 39 2.31 -5.16 -18.84
N LEU A 40 2.62 -3.93 -18.46
CA LEU A 40 1.59 -2.96 -18.11
C LEU A 40 0.86 -2.41 -19.33
N GLN A 41 1.35 -2.71 -20.54
CA GLN A 41 0.66 -2.26 -21.75
C GLN A 41 -0.57 -3.10 -22.06
N ALA A 42 -0.69 -4.28 -21.45
CA ALA A 42 -1.80 -5.16 -21.76
C ALA A 42 -3.10 -4.60 -21.18
N PRO A 43 -4.23 -4.80 -21.86
CA PRO A 43 -5.49 -4.31 -21.31
C PRO A 43 -5.82 -4.97 -19.99
N GLY A 44 -6.40 -4.19 -19.08
CA GLY A 44 -6.72 -4.71 -17.76
C GLY A 44 -5.54 -4.81 -16.83
N SER A 45 -4.41 -4.20 -17.20
CA SER A 45 -3.27 -4.17 -16.30
C SER A 45 -3.58 -3.28 -15.10
N PRO A 46 -2.99 -3.58 -13.95
CA PRO A 46 -3.17 -2.71 -12.79
C PRO A 46 -2.30 -1.47 -12.88
N LEU A 47 -2.65 -0.48 -12.06
CA LEU A 47 -1.72 0.57 -11.68
C LEU A 47 -0.55 -0.03 -10.91
N CYS A 48 0.67 0.34 -11.28
CA CYS A 48 1.87 -0.25 -10.70
C CYS A 48 2.72 0.83 -10.04
N ILE A 49 3.05 0.63 -8.76
CA ILE A 49 3.76 1.64 -7.96
C ILE A 49 4.98 0.98 -7.33
N LEU A 50 6.17 1.57 -7.53
CA LEU A 50 7.38 1.12 -6.86
C LEU A 50 7.66 2.03 -5.68
N CYS A 51 7.95 1.45 -4.51
CA CYS A 51 8.16 2.24 -3.29
C CYS A 51 9.54 1.95 -2.73
N PRO A 52 10.57 2.59 -3.27
CA PRO A 52 11.94 2.41 -2.76
C PRO A 52 12.18 3.22 -1.50
N PRO A 53 13.31 3.00 -0.83
CA PRO A 53 13.69 3.88 0.27
C PRO A 53 13.78 5.33 -0.19
N ALA A 54 13.54 6.26 0.74
CA ALA A 54 13.42 7.66 0.32
C ALA A 54 14.72 8.17 -0.29
N ILE A 55 15.85 7.70 0.22
CA ILE A 55 17.16 8.15 -0.26
C ILE A 55 17.41 7.71 -1.69
N SER A 56 16.67 6.69 -2.16
CA SER A 56 16.84 6.09 -3.47
C SER A 56 15.80 6.55 -4.49
N LEU A 57 14.87 7.43 -4.09
CA LEU A 57 13.81 7.86 -5.01
C LEU A 57 14.39 8.57 -6.23
N ALA A 58 15.35 9.49 -6.02
CA ALA A 58 15.87 10.24 -7.16
C ALA A 58 16.54 9.32 -8.17
N ALA A 59 17.26 8.30 -7.69
CA ALA A 59 17.95 7.39 -8.59
C ALA A 59 16.95 6.60 -9.44
N VAL A 60 15.83 6.19 -8.83
CA VAL A 60 14.82 5.47 -9.59
C VAL A 60 14.10 6.42 -10.53
N ARG A 61 13.79 7.63 -10.07
CA ARG A 61 13.16 8.63 -10.93
C ARG A 61 13.98 8.85 -12.20
N ALA A 62 15.31 8.91 -12.07
CA ALA A 62 16.16 9.17 -13.22
C ALA A 62 16.12 8.03 -14.22
N VAL A 63 15.99 6.79 -13.75
CA VAL A 63 15.86 5.64 -14.64
C VAL A 63 14.52 5.66 -15.36
N LEU A 64 13.45 5.98 -14.65
CA LEU A 64 12.11 5.94 -15.22
C LEU A 64 11.88 7.07 -16.21
N ASP A 65 12.60 8.17 -16.07
CA ASP A 65 12.35 9.36 -16.87
C ASP A 65 13.19 9.40 -18.14
N ILE A 66 13.97 8.36 -18.42
CA ILE A 66 14.75 8.29 -19.64
C ILE A 66 13.84 8.03 -20.84
N GLN A 74 2.07 3.81 -17.10
CA GLN A 74 3.29 4.37 -16.55
C GLN A 74 3.53 3.86 -15.13
N ILE A 75 4.75 3.38 -14.89
CA ILE A 75 5.16 2.95 -13.56
C ILE A 75 5.24 4.19 -12.67
N GLU A 76 4.54 4.17 -11.54
CA GLU A 76 4.55 5.28 -10.60
C GLU A 76 5.47 4.98 -9.42
N LEU A 77 5.82 6.04 -8.69
CA LEU A 77 6.77 5.97 -7.61
C LEU A 77 6.06 6.40 -6.33
N GLY A 78 6.33 5.69 -5.23
CA GLY A 78 5.75 6.02 -3.95
C GLY A 78 6.81 6.00 -2.85
N ALA A 79 6.50 6.72 -1.78
CA ALA A 79 7.36 6.71 -0.62
C ALA A 79 6.81 5.75 0.42
N GLN A 80 7.68 5.32 1.35
CA GLN A 80 7.32 4.32 2.36
C GLN A 80 6.80 4.94 3.65
N ASN A 81 6.92 6.26 3.79
CA ASN A 81 6.50 7.00 4.97
C ASN A 81 6.80 8.47 4.72
N MET A 82 6.06 9.34 5.41
CA MET A 82 6.41 10.75 5.50
C MET A 82 5.81 11.28 6.80
N TYR A 83 6.14 12.53 7.14
CA TYR A 83 5.51 13.22 8.26
C TYR A 83 4.35 14.09 7.75
N PHE A 84 3.57 14.65 8.68
CA PHE A 84 2.31 15.30 8.26
C PHE A 84 2.37 16.82 8.22
N GLU A 85 3.37 17.45 8.86
CA GLU A 85 3.47 18.91 8.78
C GLU A 85 4.05 19.34 7.42
N GLU A 86 3.82 20.61 7.07
CA GLU A 86 4.27 21.13 5.78
C GLU A 86 5.79 21.19 5.70
N LYS A 87 6.43 21.50 6.83
CA LYS A 87 7.86 21.78 6.94
C LYS A 87 8.13 22.01 8.42
N GLY A 88 9.41 22.01 8.79
CA GLY A 88 9.75 22.52 10.10
C GLY A 88 10.73 21.62 10.85
N ALA A 89 10.71 21.79 12.17
CA ALA A 89 11.78 21.32 13.04
C ALA A 89 11.48 19.89 13.48
N PHE A 90 11.59 18.99 12.51
CA PHE A 90 11.36 17.56 12.71
C PHE A 90 12.54 16.81 12.08
N THR A 91 13.68 16.81 12.79
CA THR A 91 14.91 16.22 12.25
C THR A 91 14.67 14.77 11.84
N GLY A 92 15.05 14.43 10.60
CA GLY A 92 14.94 13.07 10.12
C GLY A 92 13.68 12.78 9.33
N GLU A 93 12.74 13.72 9.26
CA GLU A 93 11.46 13.49 8.58
C GLU A 93 11.44 14.16 7.22
N ILE A 94 10.58 13.66 6.35
CA ILE A 94 10.33 14.27 5.05
C ILE A 94 8.86 14.67 4.96
N SER A 95 8.60 15.78 4.22
CA SER A 95 7.27 16.37 4.21
C SER A 95 6.47 15.96 2.96
N PRO A 96 5.14 16.15 3.00
CA PRO A 96 4.32 15.77 1.82
C PRO A 96 4.74 16.53 0.56
N ASN A 97 5.14 17.79 0.73
CA ASN A 97 5.60 18.60 -0.39
C ASN A 97 6.82 17.95 -1.06
N MET A 98 7.75 17.44 -0.24
CA MET A 98 8.97 16.80 -0.73
C MET A 98 8.62 15.54 -1.51
N VAL A 99 7.78 14.69 -0.89
CA VAL A 99 7.37 13.44 -1.51
C VAL A 99 6.71 13.69 -2.85
N HIS A 100 5.84 14.71 -2.91
CA HIS A 100 5.14 14.98 -4.16
C HIS A 100 6.08 15.35 -5.31
N GLU A 101 7.28 15.85 -5.01
CA GLU A 101 8.18 16.20 -6.11
C GLU A 101 8.62 14.99 -6.90
N LEU A 102 8.63 13.81 -6.27
CA LEU A 102 9.14 12.61 -6.90
C LEU A 102 8.13 11.47 -6.99
N CYS A 103 6.98 11.57 -6.31
CA CYS A 103 6.10 10.43 -6.07
C CYS A 103 4.65 10.83 -6.26
N THR A 104 3.84 9.84 -6.64
CA THR A 104 2.38 9.99 -6.64
C THR A 104 1.74 9.43 -5.37
N THR A 105 2.46 8.62 -4.60
CA THR A 105 1.86 7.71 -3.63
C THR A 105 2.72 7.69 -2.37
N VAL A 106 2.11 7.35 -1.23
CA VAL A 106 2.88 7.16 0.00
C VAL A 106 2.22 6.07 0.84
N ILE A 107 3.02 5.11 1.33
CA ILE A 107 2.56 4.08 2.26
C ILE A 107 2.53 4.67 3.65
N LEU A 108 1.44 4.40 4.38
CA LEU A 108 1.25 4.98 5.70
C LEU A 108 0.72 3.92 6.65
N GLY A 109 1.25 3.94 7.87
CA GLY A 109 0.75 3.03 8.88
C GLY A 109 1.15 1.59 8.70
N HIS A 110 2.21 1.34 7.94
CA HIS A 110 2.71 -0.03 7.85
C HIS A 110 2.90 -0.60 9.24
N SER A 111 2.61 -1.90 9.39
CA SER A 111 2.69 -2.51 10.72
C SER A 111 4.10 -2.43 11.29
N GLU A 112 5.11 -2.39 10.43
CA GLU A 112 6.47 -2.26 10.96
C GLU A 112 6.67 -0.90 11.62
N ARG A 113 5.99 0.13 11.13
CA ARG A 113 6.08 1.45 11.76
C ARG A 113 5.19 1.54 13.00
N ARG A 114 4.03 0.87 12.99
CA ARG A 114 3.19 0.85 14.19
C ARG A 114 3.86 0.11 15.32
N THR A 115 4.57 -0.97 15.02
CA THR A 115 5.17 -1.80 16.06
C THR A 115 6.55 -1.32 16.48
N TYR A 116 7.48 -1.11 15.53
CA TYR A 116 8.83 -0.71 15.93
C TYR A 116 8.93 0.78 16.26
N PHE A 117 8.13 1.63 15.64
CA PHE A 117 8.34 3.06 15.79
C PHE A 117 7.12 3.75 16.39
N GLY A 118 6.20 2.97 16.96
CA GLY A 118 5.14 3.51 17.79
C GLY A 118 4.09 4.33 17.09
N GLU A 119 3.93 4.21 15.78
CA GLU A 119 2.92 5.00 15.09
C GLU A 119 1.52 4.57 15.50
N THR A 120 0.66 5.55 15.73
CA THR A 120 -0.70 5.34 16.20
C THR A 120 -1.68 5.56 15.06
N ASP A 121 -2.91 5.07 15.24
CA ASP A 121 -3.98 5.38 14.28
C ASP A 121 -4.10 6.89 14.10
N GLU A 122 -4.00 7.64 15.19
CA GLU A 122 -4.16 9.08 15.13
C GLU A 122 -3.08 9.72 14.27
N LEU A 123 -1.83 9.28 14.43
CA LEU A 123 -0.75 9.81 13.61
C LEU A 123 -0.91 9.38 12.16
N VAL A 124 -1.34 8.14 11.93
CA VAL A 124 -1.58 7.68 10.58
C VAL A 124 -2.63 8.55 9.89
N ASN A 125 -3.71 8.89 10.61
CA ASN A 125 -4.75 9.72 10.02
C ASN A 125 -4.24 11.11 9.66
N LYS A 126 -3.40 11.69 10.53
CA LYS A 126 -2.82 12.99 10.20
C LYS A 126 -2.03 12.91 8.90
N LYS A 127 -1.22 11.86 8.76
CA LYS A 127 -0.44 11.67 7.54
C LYS A 127 -1.34 11.41 6.34
N THR A 128 -2.45 10.71 6.55
CA THR A 128 -3.37 10.43 5.46
C THR A 128 -4.00 11.71 4.92
N LEU A 129 -4.49 12.57 5.82
CA LEU A 129 -5.05 13.84 5.35
C LEU A 129 -4.00 14.68 4.66
N ALA A 130 -2.79 14.71 5.22
CA ALA A 130 -1.70 15.47 4.60
C ALA A 130 -1.41 14.96 3.19
N ALA A 131 -1.39 13.63 3.01
CA ALA A 131 -1.20 13.07 1.67
C ALA A 131 -2.28 13.57 0.73
N LEU A 132 -3.55 13.41 1.13
CA LEU A 132 -4.66 13.76 0.25
C LEU A 132 -4.65 15.24 -0.10
N ARG A 133 -4.29 16.09 0.86
CA ARG A 133 -4.32 17.53 0.65
C ARG A 133 -3.12 18.01 -0.16
N HIS A 134 -2.17 17.13 -0.45
CA HIS A 134 -1.06 17.42 -1.35
C HIS A 134 -1.12 16.57 -2.60
N GLU A 135 -2.30 16.04 -2.94
CA GLU A 135 -2.48 15.28 -4.18
C GLU A 135 -1.56 14.06 -4.23
N LEU A 136 -1.38 13.43 -3.08
CA LEU A 136 -0.73 12.13 -2.99
C LEU A 136 -1.77 11.06 -2.70
N ARG A 137 -1.57 9.88 -3.27
CA ARG A 137 -2.42 8.73 -3.01
C ARG A 137 -1.88 8.02 -1.77
N PRO A 138 -2.60 7.99 -0.65
CA PRO A 138 -2.13 7.22 0.51
C PRO A 138 -2.54 5.76 0.41
N ILE A 139 -1.61 4.87 0.76
CA ILE A 139 -1.92 3.46 0.93
C ILE A 139 -1.83 3.19 2.42
N VAL A 140 -2.99 3.12 3.08
CA VAL A 140 -3.08 3.06 4.54
C VAL A 140 -3.17 1.59 4.97
N CYS A 141 -2.20 1.15 5.77
CA CYS A 141 -2.10 -0.25 6.19
C CYS A 141 -2.81 -0.50 7.51
N ILE A 142 -3.67 -1.52 7.54
CA ILE A 142 -4.32 -1.95 8.78
C ILE A 142 -4.22 -3.47 8.87
N GLY A 143 -4.30 -3.98 10.10
CA GLY A 143 -4.22 -5.41 10.29
C GLY A 143 -3.98 -5.88 11.71
N GLU A 144 -4.40 -7.11 12.01
CA GLU A 144 -4.29 -7.71 13.33
C GLU A 144 -3.05 -8.60 13.41
N ASN A 145 -2.54 -8.78 14.63
CA ASN A 145 -1.38 -9.64 14.83
C ASN A 145 -1.85 -11.06 15.17
N GLU A 146 -0.87 -11.94 15.39
CA GLU A 146 -1.17 -13.35 15.62
C GLU A 146 -2.03 -13.54 16.87
N GLN A 147 -1.65 -12.88 17.97
CA GLN A 147 -2.39 -13.06 19.23
C GLN A 147 -3.82 -12.56 19.09
N GLN A 148 -4.01 -11.40 18.46
CA GLN A 148 -5.34 -10.87 18.22
C GLN A 148 -6.14 -11.81 17.32
N HIS A 149 -5.49 -12.40 16.32
CA HIS A 149 -6.19 -13.28 15.41
C HIS A 149 -6.60 -14.57 16.11
N GLU A 150 -5.68 -15.14 16.91
CA GLU A 150 -5.96 -16.41 17.59
C GLU A 150 -7.08 -16.25 18.62
N SER A 151 -7.17 -15.10 19.27
CA SER A 151 -8.16 -14.85 20.30
C SER A 151 -9.48 -14.31 19.76
N GLY A 152 -9.66 -14.28 18.44
CA GLY A 152 -10.93 -13.87 17.85
C GLY A 152 -11.19 -12.38 17.82
N GLU A 153 -10.16 -11.55 18.00
CA GLU A 153 -10.31 -10.10 18.06
C GLU A 153 -10.11 -9.42 16.71
N THR A 154 -10.00 -10.19 15.63
CA THR A 154 -9.69 -9.59 14.32
C THR A 154 -10.71 -8.52 13.95
N ALA A 155 -12.01 -8.83 14.08
CA ALA A 155 -13.02 -7.89 13.66
C ALA A 155 -12.97 -6.60 14.47
N HIS A 156 -12.76 -6.71 15.78
CA HIS A 156 -12.71 -5.53 16.62
C HIS A 156 -11.51 -4.66 16.27
N ILE A 157 -10.35 -5.28 16.03
CA ILE A 157 -9.16 -4.51 15.67
C ILE A 157 -9.39 -3.77 14.36
N ILE A 158 -9.94 -4.46 13.36
CA ILE A 158 -10.19 -3.85 12.06
C ILE A 158 -11.11 -2.64 12.20
N THR A 159 -12.22 -2.81 12.92
CA THR A 159 -13.16 -1.70 13.11
C THR A 159 -12.47 -0.51 13.76
N THR A 160 -11.70 -0.76 14.81
CA THR A 160 -11.00 0.32 15.50
C THR A 160 -10.05 1.04 14.56
N GLN A 161 -9.28 0.29 13.78
CA GLN A 161 -8.28 0.91 12.91
C GLN A 161 -8.91 1.67 11.77
N VAL A 162 -10.01 1.17 11.19
CA VAL A 162 -10.69 1.91 10.13
C VAL A 162 -11.22 3.23 10.65
N ARG A 163 -11.96 3.19 11.77
CA ARG A 163 -12.60 4.40 12.27
C ARG A 163 -11.58 5.46 12.67
N ALA A 164 -10.38 5.06 13.08
CA ALA A 164 -9.39 6.04 13.51
C ALA A 164 -8.39 6.41 12.43
N SER A 165 -7.78 5.40 11.76
CA SER A 165 -6.80 5.70 10.71
C SER A 165 -7.45 6.36 9.49
N LEU A 166 -8.70 6.01 9.17
CA LEU A 166 -9.35 6.47 7.95
C LEU A 166 -10.46 7.47 8.24
N ALA A 167 -10.32 8.21 9.33
CA ALA A 167 -11.27 9.24 9.73
C ALA A 167 -11.12 10.50 8.89
N ASN A 168 -12.12 11.39 9.00
CA ASN A 168 -12.08 12.77 8.53
C ASN A 168 -12.14 12.95 7.02
N LEU A 169 -12.41 11.90 6.25
CA LEU A 169 -12.35 12.01 4.79
C LEU A 169 -13.60 12.67 4.20
N THR A 170 -13.38 13.57 3.24
CA THR A 170 -14.49 14.06 2.42
C THR A 170 -14.98 12.95 1.49
N SER A 171 -16.15 13.17 0.87
CA SER A 171 -16.67 12.16 -0.05
C SER A 171 -15.72 11.96 -1.22
N GLU A 172 -15.13 13.03 -1.74
CA GLU A 172 -14.21 12.88 -2.86
C GLU A 172 -12.95 12.15 -2.43
N GLN A 173 -12.43 12.48 -1.25
CA GLN A 173 -11.23 11.81 -0.74
C GLN A 173 -11.50 10.37 -0.44
N ALA A 174 -12.66 10.09 0.15
CA ALA A 174 -13.02 8.71 0.47
C ALA A 174 -12.94 7.83 -0.77
N ARG A 175 -12.99 8.42 -1.96
CA ARG A 175 -12.79 7.71 -3.22
C ARG A 175 -11.33 7.58 -3.64
N GLU A 176 -10.42 8.40 -3.11
CA GLU A 176 -9.03 8.45 -3.55
C GLU A 176 -8.08 7.59 -2.72
N ILE A 177 -8.46 7.28 -1.47
CA ILE A 177 -7.54 6.53 -0.63
C ILE A 177 -7.44 5.10 -1.13
N VAL A 178 -6.39 4.42 -0.69
CA VAL A 178 -6.22 2.99 -0.86
C VAL A 178 -5.97 2.42 0.53
N ILE A 179 -6.66 1.32 0.86
CA ILE A 179 -6.47 0.61 2.12
C ILE A 179 -5.72 -0.68 1.81
N ALA A 180 -4.77 -1.04 2.66
CA ALA A 180 -4.09 -2.33 2.54
C ALA A 180 -4.32 -3.14 3.79
N TYR A 181 -4.98 -4.29 3.66
CA TYR A 181 -5.11 -5.22 4.76
C TYR A 181 -3.90 -6.13 4.77
N GLU A 182 -3.16 -6.11 5.87
CA GLU A 182 -1.95 -6.92 5.98
C GLU A 182 -1.97 -7.62 7.33
N PRO A 183 -2.43 -8.89 7.37
CA PRO A 183 -2.33 -9.66 8.61
C PRO A 183 -0.88 -9.66 9.04
N ILE A 184 -0.59 -9.24 10.27
CA ILE A 184 0.82 -9.12 10.65
C ILE A 184 1.47 -10.50 10.68
N TRP A 185 0.69 -11.54 10.97
CA TRP A 185 1.20 -12.91 10.94
C TRP A 185 1.53 -13.39 9.53
N ALA A 186 1.19 -12.62 8.50
CA ALA A 186 1.48 -13.01 7.12
C ALA A 186 2.68 -12.27 6.53
N ILE A 187 3.33 -11.40 7.30
CA ILE A 187 4.39 -10.55 6.77
C ILE A 187 5.73 -11.25 6.90
N GLY A 188 6.38 -11.50 5.76
CA GLY A 188 7.72 -12.06 5.76
C GLY A 188 7.83 -13.47 6.28
N THR A 189 6.72 -14.07 6.73
CA THR A 189 6.70 -15.44 7.22
C THR A 189 6.58 -16.47 6.10
N GLY A 190 6.32 -16.03 4.87
CA GLY A 190 6.00 -16.97 3.81
C GLY A 190 4.66 -17.65 3.97
N LYS A 191 3.83 -17.18 4.91
CA LYS A 191 2.51 -17.74 5.20
C LYS A 191 1.46 -16.67 4.94
N ALA A 192 1.08 -16.52 3.67
CA ALA A 192 -0.01 -15.62 3.34
C ALA A 192 -1.34 -16.14 3.90
N ALA A 193 -2.27 -15.22 4.09
CA ALA A 193 -3.64 -15.62 4.37
C ALA A 193 -4.20 -16.41 3.19
N THR A 194 -5.14 -17.31 3.48
CA THR A 194 -5.90 -17.87 2.38
C THR A 194 -6.74 -16.78 1.72
N GLY A 195 -7.08 -17.01 0.46
CA GLY A 195 -7.95 -16.06 -0.22
C GLY A 195 -9.26 -15.86 0.51
N GLU A 196 -9.79 -16.92 1.13
CA GLU A 196 -11.05 -16.84 1.86
C GLU A 196 -10.94 -15.93 3.08
N ILE A 197 -9.85 -16.06 3.83
CA ILE A 197 -9.67 -15.23 5.02
C ILE A 197 -9.43 -13.77 4.62
N ALA A 198 -8.56 -13.56 3.64
CA ALA A 198 -8.32 -12.19 3.17
C ALA A 198 -9.60 -11.55 2.67
N ASN A 199 -10.39 -12.28 1.89
CA ASN A 199 -11.64 -11.73 1.39
C ASN A 199 -12.62 -11.44 2.53
N ASN A 200 -12.68 -12.31 3.53
CA ASN A 200 -13.60 -12.10 4.65
C ASN A 200 -13.27 -10.81 5.38
N VAL A 201 -11.99 -10.57 5.66
CA VAL A 201 -11.63 -9.36 6.39
C VAL A 201 -11.73 -8.12 5.50
N ILE A 202 -11.36 -8.26 4.23
CA ILE A 202 -11.43 -7.10 3.34
C ILE A 202 -12.88 -6.69 3.12
N ARG A 203 -13.81 -7.65 3.10
CA ARG A 203 -15.21 -7.26 3.05
C ARG A 203 -15.66 -6.57 4.33
N GLN A 204 -15.11 -6.97 5.49
CA GLN A 204 -15.40 -6.25 6.72
C GLN A 204 -14.90 -4.82 6.65
N ILE A 205 -13.68 -4.62 6.14
CA ILE A 205 -13.16 -3.27 5.99
C ILE A 205 -14.10 -2.45 5.12
N ARG A 206 -14.53 -3.02 3.99
CA ARG A 206 -15.43 -2.29 3.11
C ARG A 206 -16.75 -1.98 3.81
N GLN A 207 -17.23 -2.88 4.66
CA GLN A 207 -18.46 -2.65 5.40
C GLN A 207 -18.30 -1.51 6.40
N GLU A 208 -17.19 -1.51 7.13
CA GLU A 208 -16.93 -0.43 8.09
C GLU A 208 -16.79 0.91 7.39
N TYR A 209 -16.07 0.93 6.26
CA TYR A 209 -15.98 2.13 5.45
C TYR A 209 -17.37 2.62 5.04
N GLN A 210 -18.22 1.70 4.61
CA GLN A 210 -19.59 2.03 4.24
C GLN A 210 -20.36 2.63 5.40
N ALA A 211 -20.15 2.10 6.61
CA ALA A 211 -20.85 2.61 7.79
C ALA A 211 -20.56 4.09 8.00
N ILE A 212 -19.33 4.52 7.73
CA ILE A 212 -18.95 5.91 7.94
C ILE A 212 -19.29 6.78 6.74
N TYR A 213 -18.91 6.33 5.54
CA TYR A 213 -18.86 7.18 4.36
C TYR A 213 -19.94 6.91 3.32
N GLY A 214 -20.73 5.85 3.48
CA GLY A 214 -21.82 5.57 2.57
C GLY A 214 -21.47 4.52 1.53
N ALA A 215 -22.51 4.00 0.88
CA ALA A 215 -22.35 2.86 -0.01
C ALA A 215 -21.53 3.20 -1.25
N GLU A 216 -21.73 4.39 -1.83
CA GLU A 216 -21.00 4.74 -3.05
C GLU A 216 -19.52 4.84 -2.79
N ALA A 217 -19.13 5.57 -1.74
CA ALA A 217 -17.72 5.69 -1.41
C ALA A 217 -17.09 4.32 -1.18
N ALA A 218 -17.78 3.46 -0.43
CA ALA A 218 -17.26 2.12 -0.17
C ALA A 218 -17.14 1.31 -1.47
N SER A 219 -17.93 1.62 -2.49
CA SER A 219 -17.85 0.88 -3.74
C SER A 219 -16.68 1.30 -4.62
N VAL A 220 -16.10 2.47 -4.38
CA VAL A 220 -15.00 2.96 -5.21
C VAL A 220 -13.64 2.84 -4.53
N VAL A 221 -13.61 2.72 -3.20
CA VAL A 221 -12.33 2.66 -2.50
C VAL A 221 -11.62 1.36 -2.87
N ARG A 222 -10.31 1.45 -3.10
CA ARG A 222 -9.50 0.28 -3.38
C ARG A 222 -8.97 -0.32 -2.08
N ILE A 223 -9.14 -1.64 -1.92
CA ILE A 223 -8.61 -2.35 -0.76
C ILE A 223 -7.72 -3.47 -1.26
N LEU A 224 -6.47 -3.45 -0.83
CA LEU A 224 -5.47 -4.43 -1.24
C LEU A 224 -5.25 -5.44 -0.13
N TYR A 225 -4.73 -6.61 -0.52
CA TYR A 225 -4.21 -7.59 0.40
C TYR A 225 -2.69 -7.50 0.40
N GLY A 226 -2.09 -7.53 1.60
CA GLY A 226 -0.65 -7.69 1.71
C GLY A 226 -0.29 -8.79 2.69
N GLY A 227 0.91 -9.35 2.51
CA GLY A 227 1.37 -10.41 3.39
C GLY A 227 1.76 -11.67 2.62
N SER A 228 3.04 -11.77 2.27
CA SER A 228 3.58 -12.94 1.55
C SER A 228 2.94 -13.13 0.18
N VAL A 229 2.68 -12.02 -0.51
CA VAL A 229 2.16 -12.09 -1.88
C VAL A 229 3.29 -12.44 -2.83
N THR A 230 3.06 -13.44 -3.68
CA THR A 230 3.98 -13.81 -4.76
C THR A 230 3.19 -13.96 -6.06
N SER A 231 3.90 -14.19 -7.16
CA SER A 231 3.15 -14.43 -8.39
C SER A 231 2.41 -15.75 -8.37
N ASP A 232 2.73 -16.63 -7.41
CA ASP A 232 2.06 -17.92 -7.31
C ASP A 232 0.68 -17.80 -6.68
N ASN A 233 0.46 -16.79 -5.83
CA ASN A 233 -0.81 -16.70 -5.13
C ASN A 233 -1.59 -15.42 -5.42
N ILE A 234 -1.07 -14.53 -6.27
CA ILE A 234 -1.79 -13.27 -6.50
C ILE A 234 -3.15 -13.54 -7.14
N ALA A 235 -3.24 -14.53 -8.03
CA ALA A 235 -4.52 -14.79 -8.69
C ALA A 235 -5.57 -15.28 -7.70
N GLU A 236 -5.13 -16.02 -6.67
CA GLU A 236 -6.04 -16.49 -5.63
C GLU A 236 -6.75 -15.33 -4.94
N PHE A 237 -6.02 -14.24 -4.67
CA PHE A 237 -6.62 -13.07 -4.06
C PHE A 237 -7.44 -12.26 -5.06
N MET A 238 -6.88 -12.01 -6.26
CA MET A 238 -7.55 -11.18 -7.25
C MET A 238 -8.87 -11.79 -7.73
N ALA A 239 -9.08 -13.08 -7.51
CA ALA A 239 -10.33 -13.69 -7.96
C ALA A 239 -11.53 -13.14 -7.21
N TYR A 240 -11.31 -12.65 -6.00
CA TYR A 240 -12.40 -12.08 -5.21
C TYR A 240 -12.69 -10.66 -5.66
N PRO A 241 -13.96 -10.33 -5.96
CA PRO A 241 -14.28 -8.97 -6.42
C PRO A 241 -13.89 -7.88 -5.43
N ASP A 242 -13.90 -8.18 -4.14
CA ASP A 242 -13.61 -7.15 -3.15
C ASP A 242 -12.13 -6.87 -2.98
N ILE A 243 -11.25 -7.71 -3.52
CA ILE A 243 -9.80 -7.52 -3.37
C ILE A 243 -9.29 -6.84 -4.63
N ASP A 244 -8.74 -5.64 -4.46
CA ASP A 244 -8.42 -4.77 -5.58
C ASP A 244 -6.95 -4.76 -5.93
N GLY A 245 -6.16 -5.66 -5.39
CA GLY A 245 -4.75 -5.62 -5.68
C GLY A 245 -3.96 -6.02 -4.47
N ALA A 246 -2.68 -5.66 -4.47
CA ALA A 246 -1.79 -6.18 -3.44
C ALA A 246 -0.72 -5.18 -3.11
N LEU A 247 -0.34 -5.15 -1.83
CA LEU A 247 0.86 -4.50 -1.35
C LEU A 247 1.89 -5.61 -1.20
N VAL A 248 2.91 -5.57 -2.04
CA VAL A 248 3.87 -6.67 -2.16
C VAL A 248 5.12 -6.32 -1.36
N GLY A 249 5.59 -7.26 -0.54
CA GLY A 249 6.78 -7.03 0.24
C GLY A 249 8.02 -7.61 -0.40
N GLY A 250 8.52 -8.73 0.14
CA GLY A 250 9.79 -9.26 -0.32
C GLY A 250 9.83 -9.56 -1.80
N ALA A 251 8.71 -9.96 -2.38
CA ALA A 251 8.71 -10.22 -3.82
C ALA A 251 8.90 -8.95 -4.64
N SER A 252 8.68 -7.77 -4.04
CA SER A 252 8.88 -6.56 -4.83
C SER A 252 10.34 -6.28 -5.11
N LEU A 253 11.25 -7.01 -4.45
CA LEU A 253 12.69 -6.88 -4.63
C LEU A 253 13.22 -7.80 -5.71
N LYS A 254 12.34 -8.59 -6.33
CA LYS A 254 12.72 -9.66 -7.23
C LYS A 254 12.00 -9.50 -8.55
N PRO A 255 12.48 -10.14 -9.61
CA PRO A 255 11.75 -10.10 -10.89
C PRO A 255 10.37 -10.69 -10.80
N ASP A 256 10.10 -11.52 -9.78
CA ASP A 256 8.75 -12.03 -9.57
C ASP A 256 7.71 -10.92 -9.47
N PHE A 257 8.13 -9.70 -9.09
CA PHE A 257 7.21 -8.57 -9.09
C PHE A 257 6.57 -8.38 -10.46
N ILE A 258 7.34 -8.56 -11.55
CA ILE A 258 6.75 -8.47 -12.89
C ILE A 258 5.70 -9.54 -13.07
N ASN A 259 5.98 -10.74 -12.58
CA ASN A 259 5.03 -11.84 -12.81
C ASN A 259 3.80 -11.70 -11.94
N ILE A 260 3.92 -11.02 -10.80
CA ILE A 260 2.73 -10.65 -10.04
C ILE A 260 1.83 -9.76 -10.88
N VAL A 261 2.42 -8.76 -11.55
CA VAL A 261 1.65 -7.90 -12.44
C VAL A 261 1.00 -8.71 -13.55
N ARG A 262 1.75 -9.64 -14.14
CA ARG A 262 1.20 -10.47 -15.22
C ARG A 262 0.01 -11.29 -14.75
N ASN A 263 0.09 -11.85 -13.55
CA ASN A 263 -0.92 -12.76 -13.04
C ASN A 263 -2.06 -12.04 -12.33
N SER A 264 -1.99 -10.72 -12.24
CA SER A 264 -3.03 -9.96 -11.54
C SER A 264 -4.20 -9.64 -12.46
#